data_6IZT
#
_entry.id   6IZT
#
_cell.length_a   62.680
_cell.length_b   89.900
_cell.length_c   110.180
_cell.angle_alpha   90.00
_cell.angle_beta   90.00
_cell.angle_gamma   90.00
#
_symmetry.space_group_name_H-M   'P 21 21 21'
#
loop_
_entity.id
_entity.type
_entity.pdbx_description
1 polymer 'Outer membrane protein assembly factor BamA'
2 water water
#
_entity_poly.entity_id   1
_entity_poly.type   'polypeptide(L)'
_entity_poly.pdbx_seq_one_letter_code
;MGSSHHHHHHSSGLVPRGSHMAKLASLTFKGNESVSSSTLQEQMELQPDSWWKLWGNKFEGAQFEKDLQSIRDYYLNNGY
AKAQITKTDVQLNDEKTKVNVTIDVNEGLQYDLRSARIIGNLGGMSAELEPLLSALHLNDTFRRSDIADVENAIKAKLGE
RGYGSATVNSVPDFDDANKTLAITLVVDAGRRLTVRQLRFEGNTVSADSTLRQEMRQQEGTWYNSQLVELGKIRLDRTGF
FETVENRIDPINGSNDEVDVVYKVKER
;
_entity_poly.pdbx_strand_id   A,B
#
# COMPACT_ATOMS: atom_id res chain seq x y z
N GLY A 13 33.34 -11.81 5.83
CA GLY A 13 32.89 -11.41 7.15
C GLY A 13 32.41 -9.96 7.19
N LEU A 14 32.24 -9.43 8.39
CA LEU A 14 31.89 -8.03 8.60
C LEU A 14 33.03 -7.35 9.35
N VAL A 15 33.32 -6.11 8.98
CA VAL A 15 34.44 -5.38 9.60
C VAL A 15 33.99 -3.97 10.00
N PRO A 16 34.47 -3.45 11.12
CA PRO A 16 34.10 -2.08 11.49
C PRO A 16 34.71 -1.04 10.57
N ARG A 17 33.97 0.06 10.40
CA ARG A 17 34.38 1.20 9.60
C ARG A 17 33.99 2.48 10.31
N GLY A 18 34.90 3.44 10.33
CA GLY A 18 34.65 4.72 10.97
C GLY A 18 34.39 5.85 9.99
N SER A 19 33.80 6.93 10.48
CA SER A 19 33.27 8.02 9.67
C SER A 19 34.16 9.25 9.76
N HIS A 20 34.29 9.99 8.66
CA HIS A 20 34.83 11.34 8.72
C HIS A 20 33.77 12.32 8.25
N MET A 21 34.01 13.59 8.54
CA MET A 21 33.07 14.66 8.22
C MET A 21 33.65 15.51 7.10
N ALA A 22 32.75 16.09 6.31
CA ALA A 22 33.12 17.01 5.26
C ALA A 22 32.00 18.04 5.17
N LYS A 23 32.37 19.27 4.83
CA LYS A 23 31.38 20.34 4.82
C LYS A 23 30.65 20.36 3.48
N LEU A 24 29.33 20.52 3.55
CA LEU A 24 28.57 20.76 2.34
C LEU A 24 28.94 22.15 1.85
N ALA A 25 29.65 22.22 0.72
CA ALA A 25 30.15 23.50 0.24
C ALA A 25 29.07 24.24 -0.55
N SER A 26 28.58 23.65 -1.63
CA SER A 26 27.61 24.32 -2.48
C SER A 26 26.42 23.41 -2.76
N LEU A 27 25.27 24.04 -2.91
CA LEU A 27 24.02 23.40 -3.29
C LEU A 27 23.55 24.03 -4.58
N THR A 28 23.43 23.24 -5.65
CA THR A 28 23.07 23.76 -6.96
C THR A 28 21.81 23.05 -7.44
N PHE A 29 20.86 23.85 -7.91
CA PHE A 29 19.63 23.34 -8.50
C PHE A 29 19.64 23.63 -10.00
N LYS A 30 19.17 22.68 -10.78
CA LYS A 30 19.04 22.82 -12.22
C LYS A 30 17.62 22.44 -12.63
N GLY A 31 17.09 23.17 -13.62
CA GLY A 31 15.75 22.94 -14.12
C GLY A 31 14.63 23.61 -13.35
N ASN A 32 14.93 24.30 -12.25
CA ASN A 32 13.88 24.93 -11.42
C ASN A 32 13.58 26.32 -11.97
N GLU A 33 12.74 26.37 -13.01
CA GLU A 33 12.41 27.63 -13.66
C GLU A 33 11.41 28.46 -12.85
N SER A 34 10.45 27.81 -12.18
CA SER A 34 9.34 28.51 -11.54
C SER A 34 9.50 28.69 -10.04
N VAL A 35 10.41 27.97 -9.39
CA VAL A 35 10.59 28.05 -7.94
C VAL A 35 12.06 28.31 -7.68
N SER A 36 12.35 29.29 -6.84
CA SER A 36 13.70 29.76 -6.62
C SER A 36 14.56 28.73 -5.91
N SER A 37 15.84 28.74 -6.24
CA SER A 37 16.80 27.90 -5.53
C SER A 37 16.75 28.14 -4.03
N SER A 38 16.62 29.39 -3.59
CA SER A 38 16.60 29.67 -2.16
C SER A 38 15.40 29.03 -1.48
N THR A 39 14.23 29.07 -2.13
CA THR A 39 13.06 28.41 -1.57
C THR A 39 13.27 26.91 -1.46
N LEU A 40 13.83 26.30 -2.50
CA LEU A 40 14.08 24.86 -2.46
C LEU A 40 15.08 24.51 -1.35
N GLN A 41 16.18 25.24 -1.29
CA GLN A 41 17.15 25.02 -0.24
C GLN A 41 16.52 25.11 1.15
N GLU A 42 15.53 26.00 1.32
CA GLU A 42 14.88 26.16 2.61
C GLU A 42 14.13 24.92 3.06
N GLN A 43 13.72 24.05 2.12
CA GLN A 43 13.03 22.82 2.48
C GLN A 43 13.96 21.77 3.08
N MET A 44 15.27 21.97 2.98
CA MET A 44 16.26 20.96 3.32
C MET A 44 16.81 21.21 4.70
N GLU A 45 17.05 20.11 5.44
CA GLU A 45 17.82 20.22 6.67
C GLU A 45 19.32 20.33 6.38
N LEU A 46 19.80 19.60 5.38
CA LEU A 46 21.21 19.69 4.99
C LEU A 46 21.44 21.02 4.27
N GLN A 47 22.10 21.97 4.95
CA GLN A 47 22.38 23.31 4.44
C GLN A 47 23.87 23.48 4.16
N PRO A 48 24.25 24.33 3.20
CA PRO A 48 25.68 24.66 3.06
C PRO A 48 26.26 25.09 4.41
N ASP A 49 27.52 24.74 4.64
CA ASP A 49 28.27 24.97 5.88
C ASP A 49 27.92 23.99 7.00
N SER A 50 26.97 23.07 6.79
CA SER A 50 26.74 21.99 7.74
C SER A 50 27.64 20.81 7.38
N TRP A 51 27.78 19.90 8.32
CA TRP A 51 28.72 18.80 8.19
C TRP A 51 28.01 17.55 7.69
N TRP A 52 28.68 16.84 6.79
CA TRP A 52 28.15 15.66 6.13
C TRP A 52 29.02 14.49 6.57
N LYS A 53 28.38 13.44 7.07
CA LYS A 53 29.08 12.28 7.56
C LYS A 53 29.33 11.31 6.42
N LEU A 54 30.60 10.95 6.24
CA LEU A 54 31.06 10.09 5.15
C LEU A 54 31.71 8.86 5.76
N TRP A 55 31.57 7.73 5.08
CA TRP A 55 32.23 6.48 5.47
C TRP A 55 32.93 5.99 4.23
N GLY A 56 34.26 6.09 4.22
CA GLY A 56 34.98 5.83 3.00
C GLY A 56 34.53 6.83 1.97
N ASN A 57 34.19 6.35 0.79
CA ASN A 57 33.61 7.16 -0.27
C ASN A 57 32.09 7.01 -0.34
N LYS A 58 31.46 6.73 0.80
CA LYS A 58 30.02 6.57 0.90
C LYS A 58 29.50 7.72 1.74
N PHE A 59 28.29 8.19 1.42
CA PHE A 59 27.65 9.20 2.24
C PHE A 59 26.34 8.65 2.76
N GLU A 60 25.88 9.26 3.86
CA GLU A 60 24.59 8.89 4.44
C GLU A 60 23.47 9.34 3.52
N GLY A 61 22.67 8.38 3.05
CA GLY A 61 21.65 8.71 2.08
C GLY A 61 20.33 8.95 2.75
N ALA A 62 20.26 8.63 4.05
CA ALA A 62 18.98 8.70 4.75
C ALA A 62 18.48 10.13 4.83
N GLN A 63 19.28 11.02 5.41
CA GLN A 63 18.86 12.41 5.56
C GLN A 63 18.74 13.11 4.22
N PHE A 64 19.67 12.82 3.30
CA PHE A 64 19.58 13.43 1.98
C PHE A 64 18.27 13.06 1.31
N GLU A 65 17.87 11.79 1.39
CA GLU A 65 16.59 11.38 0.80
C GLU A 65 15.42 12.13 1.43
N LYS A 66 15.45 12.32 2.76
CA LYS A 66 14.39 13.11 3.39
C LYS A 66 14.39 14.54 2.86
N ASP A 67 15.58 15.10 2.64
CA ASP A 67 15.67 16.44 2.06
C ASP A 67 15.11 16.45 0.64
N LEU A 68 15.41 15.42 -0.15
CA LEU A 68 14.83 15.34 -1.49
C LEU A 68 13.32 15.22 -1.42
N GLN A 69 12.80 14.51 -0.41
CA GLN A 69 11.35 14.37 -0.27
C GLN A 69 10.70 15.68 0.14
N SER A 70 11.37 16.46 1.00
CA SER A 70 10.84 17.78 1.35
C SER A 70 10.77 18.69 0.14
N ILE A 71 11.72 18.58 -0.78
CA ILE A 71 11.64 19.33 -2.03
C ILE A 71 10.42 18.87 -2.82
N ARG A 72 10.25 17.56 -2.96
CA ARG A 72 9.08 17.05 -3.66
C ARG A 72 7.80 17.53 -2.99
N ASP A 73 7.73 17.41 -1.65
CA ASP A 73 6.53 17.84 -0.94
C ASP A 73 6.21 19.30 -1.21
N TYR A 74 7.23 20.17 -1.27
CA TYR A 74 6.98 21.58 -1.54
C TYR A 74 6.33 21.76 -2.91
N TYR A 75 6.90 21.14 -3.94
CA TYR A 75 6.31 21.24 -5.27
C TYR A 75 4.87 20.74 -5.24
N LEU A 76 4.64 19.59 -4.63
CA LEU A 76 3.30 18.98 -4.63
C LEU A 76 2.31 19.78 -3.81
N ASN A 77 2.79 20.53 -2.81
CA ASN A 77 1.91 21.38 -2.03
C ASN A 77 1.67 22.73 -2.68
N ASN A 78 2.34 23.04 -3.79
CA ASN A 78 2.15 24.31 -4.48
C ASN A 78 1.77 24.12 -5.94
N GLY A 79 1.12 23.01 -6.27
CA GLY A 79 0.50 22.83 -7.56
C GLY A 79 1.30 22.05 -8.58
N TYR A 80 2.59 21.81 -8.34
CA TYR A 80 3.45 21.16 -9.33
C TYR A 80 3.35 19.64 -9.15
N ALA A 81 2.19 19.11 -9.55
CA ALA A 81 1.86 17.73 -9.27
C ALA A 81 2.74 16.73 -10.00
N LYS A 82 3.33 17.10 -11.15
CA LYS A 82 4.22 16.22 -11.89
C LYS A 82 5.69 16.47 -11.59
N ALA A 83 6.00 17.34 -10.64
CA ALA A 83 7.40 17.64 -10.33
C ALA A 83 8.15 16.36 -9.97
N GLN A 84 9.38 16.25 -10.48
CA GLN A 84 10.24 15.12 -10.16
C GLN A 84 11.66 15.62 -9.92
N ILE A 85 12.35 14.96 -9.00
CA ILE A 85 13.80 15.10 -8.88
C ILE A 85 14.41 14.20 -9.94
N THR A 86 15.01 14.81 -10.96
CA THR A 86 15.45 14.06 -12.14
C THR A 86 16.79 13.37 -11.89
N LYS A 87 17.69 14.04 -11.18
CA LYS A 87 19.02 13.51 -10.98
C LYS A 87 19.65 14.22 -9.79
N THR A 88 20.57 13.53 -9.11
CA THR A 88 21.37 14.15 -8.07
C THR A 88 22.83 13.75 -8.25
N ASP A 89 23.73 14.61 -7.77
CA ASP A 89 25.17 14.42 -7.95
C ASP A 89 25.85 14.93 -6.69
N VAL A 90 26.45 14.03 -5.93
CA VAL A 90 27.24 14.37 -4.75
C VAL A 90 28.71 14.18 -5.10
N GLN A 91 29.47 15.28 -5.10
CA GLN A 91 30.87 15.26 -5.50
C GLN A 91 31.76 15.71 -4.34
N LEU A 92 32.98 15.18 -4.29
CA LEU A 92 33.92 15.50 -3.23
C LEU A 92 34.85 16.67 -3.61
N ASN A 93 36.12 16.58 -3.23
CA ASN A 93 37.07 17.67 -3.41
C ASN A 93 38.45 17.28 -3.91
N ASP A 94 38.80 15.99 -3.97
CA ASP A 94 40.18 15.51 -4.03
C ASP A 94 40.63 15.46 -2.58
N GLU A 95 40.66 16.63 -1.97
CA GLU A 95 40.70 16.75 -0.52
C GLU A 95 39.43 16.12 0.04
N LYS A 96 39.56 15.37 1.13
CA LYS A 96 38.39 14.72 1.70
C LYS A 96 37.51 15.69 2.46
N THR A 97 37.67 16.98 2.19
CA THR A 97 36.86 18.04 2.78
C THR A 97 36.02 18.70 1.68
N LYS A 98 34.80 19.09 2.03
CA LYS A 98 33.86 19.75 1.13
C LYS A 98 33.23 18.82 0.10
N VAL A 99 31.91 18.67 0.17
CA VAL A 99 31.13 18.01 -0.88
C VAL A 99 30.29 19.09 -1.57
N ASN A 100 30.07 18.91 -2.87
CA ASN A 100 29.23 19.81 -3.65
C ASN A 100 28.09 19.01 -4.27
N VAL A 101 26.85 19.45 -4.00
CA VAL A 101 25.65 18.73 -4.40
C VAL A 101 24.97 19.45 -5.55
N THR A 102 24.45 18.67 -6.50
CA THR A 102 23.68 19.19 -7.62
C THR A 102 22.38 18.41 -7.72
N ILE A 103 21.27 19.14 -7.82
CA ILE A 103 19.94 18.53 -7.86
C ILE A 103 19.22 19.05 -9.10
N ASP A 104 18.85 18.14 -10.00
CA ASP A 104 18.10 18.48 -11.19
C ASP A 104 16.62 18.23 -10.91
N VAL A 105 15.77 19.19 -11.27
CA VAL A 105 14.34 19.06 -11.08
C VAL A 105 13.64 19.27 -12.41
N ASN A 106 12.54 18.55 -12.60
CA ASN A 106 11.63 18.73 -13.71
C ASN A 106 10.32 19.22 -13.10
N GLU A 107 10.08 20.52 -13.16
CA GLU A 107 9.00 21.09 -12.37
C GLU A 107 7.64 20.71 -12.95
N GLY A 108 7.52 20.72 -14.27
CA GLY A 108 6.22 20.57 -14.88
C GLY A 108 5.32 21.76 -14.61
N LEU A 109 4.06 21.57 -14.98
CA LEU A 109 3.07 22.64 -14.90
C LEU A 109 2.53 22.78 -13.48
N GLN A 110 2.02 23.98 -13.19
CA GLN A 110 1.30 24.24 -11.96
C GLN A 110 -0.19 24.03 -12.20
N TYR A 111 -0.79 23.09 -11.47
CA TYR A 111 -2.15 22.65 -11.71
C TYR A 111 -3.13 23.20 -10.68
N ASP A 112 -4.36 23.42 -11.13
CA ASP A 112 -5.50 23.62 -10.24
C ASP A 112 -6.23 22.30 -10.05
N LEU A 113 -6.83 22.15 -8.88
CA LEU A 113 -7.69 21.00 -8.59
C LEU A 113 -9.09 21.29 -9.11
N ARG A 114 -9.54 20.53 -10.12
CA ARG A 114 -10.88 20.76 -10.66
C ARG A 114 -11.95 19.91 -9.99
N SER A 115 -11.59 18.75 -9.45
CA SER A 115 -12.61 17.89 -8.86
C SER A 115 -11.95 16.80 -8.02
N ALA A 116 -12.78 16.17 -7.19
CA ALA A 116 -12.34 15.10 -6.30
C ALA A 116 -13.52 14.15 -6.11
N ARG A 117 -13.24 12.85 -6.13
CA ARG A 117 -14.26 11.84 -5.96
C ARG A 117 -13.73 10.72 -5.08
N ILE A 118 -14.66 10.00 -4.45
CA ILE A 118 -14.37 8.84 -3.61
C ILE A 118 -14.97 7.62 -4.27
N ILE A 119 -14.18 6.55 -4.38
CA ILE A 119 -14.65 5.27 -4.90
C ILE A 119 -14.05 4.16 -4.04
N GLY A 120 -14.63 2.96 -4.18
CA GLY A 120 -14.04 1.76 -3.65
C GLY A 120 -14.99 1.07 -2.67
N ASN A 121 -14.37 0.45 -1.65
CA ASN A 121 -15.11 -0.25 -0.61
C ASN A 121 -15.22 0.67 0.59
N LEU A 122 -16.41 1.21 0.80
CA LEU A 122 -16.63 2.33 1.71
C LEU A 122 -17.24 1.91 3.05
N GLY A 123 -17.27 0.61 3.33
CA GLY A 123 -17.80 0.12 4.60
C GLY A 123 -19.16 0.66 4.96
N GLY A 124 -20.03 0.88 3.96
CA GLY A 124 -21.35 1.39 4.21
C GLY A 124 -21.43 2.85 4.61
N MET A 125 -20.33 3.59 4.47
CA MET A 125 -20.25 4.97 4.94
C MET A 125 -20.21 5.96 3.79
N SER A 126 -20.64 5.54 2.60
CA SER A 126 -20.59 6.39 1.42
C SER A 126 -21.10 7.80 1.70
N ALA A 127 -22.27 7.92 2.32
CA ALA A 127 -22.88 9.23 2.53
C ALA A 127 -22.13 10.04 3.58
N GLU A 128 -21.51 9.37 4.55
CA GLU A 128 -20.78 10.07 5.59
C GLU A 128 -19.38 10.47 5.15
N LEU A 129 -18.83 9.81 4.14
CA LEU A 129 -17.51 10.17 3.62
C LEU A 129 -17.59 11.34 2.63
N GLU A 130 -18.64 11.38 1.82
CA GLU A 130 -18.77 12.43 0.81
C GLU A 130 -18.58 13.83 1.36
N PRO A 131 -19.20 14.24 2.47
CA PRO A 131 -19.01 15.61 2.96
C PRO A 131 -17.57 15.96 3.28
N LEU A 132 -16.70 14.97 3.49
CA LEU A 132 -15.30 15.28 3.76
C LEU A 132 -14.59 15.90 2.57
N LEU A 133 -15.08 15.67 1.34
CA LEU A 133 -14.48 16.30 0.18
C LEU A 133 -14.71 17.81 0.14
N SER A 134 -15.51 18.36 1.04
CA SER A 134 -15.77 19.79 1.05
C SER A 134 -14.58 20.60 1.55
N ALA A 135 -13.68 19.99 2.34
CA ALA A 135 -12.48 20.67 2.79
C ALA A 135 -11.57 21.09 1.66
N LEU A 136 -11.78 20.59 0.44
CA LEU A 136 -10.89 20.87 -0.68
C LEU A 136 -11.29 22.15 -1.37
N HIS A 137 -10.31 22.80 -1.97
CA HIS A 137 -10.50 24.10 -2.62
C HIS A 137 -10.44 23.88 -4.12
N LEU A 138 -11.63 23.76 -4.72
CA LEU A 138 -11.75 23.45 -6.13
C LEU A 138 -11.46 24.70 -6.94
N ASN A 139 -10.92 24.49 -8.15
CA ASN A 139 -10.56 25.59 -9.04
C ASN A 139 -9.53 26.49 -8.39
N ASP A 140 -8.70 25.91 -7.53
CA ASP A 140 -7.62 26.60 -6.86
C ASP A 140 -6.38 25.72 -6.98
N THR A 141 -5.21 26.30 -6.69
CA THR A 141 -3.96 25.57 -6.86
C THR A 141 -4.03 24.22 -6.14
N PHE A 142 -3.64 23.16 -6.86
CA PHE A 142 -3.60 21.84 -6.25
C PHE A 142 -2.62 21.83 -5.08
N ARG A 143 -3.05 21.25 -3.96
CA ARG A 143 -2.22 21.17 -2.76
C ARG A 143 -2.30 19.74 -2.22
N ARG A 144 -1.22 18.98 -2.42
CA ARG A 144 -1.18 17.59 -1.96
C ARG A 144 -1.57 17.46 -0.49
N SER A 145 -1.10 18.38 0.36
CA SER A 145 -1.33 18.22 1.79
C SER A 145 -2.80 18.35 2.13
N ASP A 146 -3.57 19.10 1.34
CA ASP A 146 -5.03 19.10 1.49
C ASP A 146 -5.62 17.72 1.18
N ILE A 147 -5.10 17.04 0.17
CA ILE A 147 -5.57 15.69 -0.14
C ILE A 147 -5.21 14.74 0.99
N ALA A 148 -3.98 14.84 1.49
CA ALA A 148 -3.55 13.97 2.58
C ALA A 148 -4.46 14.14 3.80
N ASP A 149 -4.91 15.37 4.06
CA ASP A 149 -5.79 15.61 5.20
C ASP A 149 -7.14 14.94 4.99
N VAL A 150 -7.66 14.95 3.76
CA VAL A 150 -8.91 14.25 3.49
C VAL A 150 -8.71 12.75 3.66
N GLU A 151 -7.56 12.24 3.22
CA GLU A 151 -7.28 10.82 3.37
C GLU A 151 -7.34 10.41 4.84
N ASN A 152 -6.73 11.21 5.72
CA ASN A 152 -6.73 10.87 7.14
C ASN A 152 -8.13 10.99 7.74
N ALA A 153 -8.90 12.00 7.29
CA ALA A 153 -10.28 12.13 7.75
C ALA A 153 -11.13 10.95 7.30
N ILE A 154 -10.89 10.46 6.09
CA ILE A 154 -11.59 9.26 5.62
C ILE A 154 -11.26 8.08 6.51
N LYS A 155 -9.98 7.91 6.86
CA LYS A 155 -9.57 6.80 7.71
C LYS A 155 -10.16 6.93 9.12
N ALA A 156 -10.22 8.15 9.65
CA ALA A 156 -10.81 8.33 10.97
C ALA A 156 -12.30 8.01 10.94
N LYS A 157 -12.99 8.42 9.89
CA LYS A 157 -14.42 8.17 9.77
C LYS A 157 -14.70 6.67 9.69
N LEU A 158 -14.00 5.98 8.80
CA LEU A 158 -14.18 4.53 8.70
C LEU A 158 -13.81 3.85 10.01
N GLY A 159 -12.86 4.44 10.74
CA GLY A 159 -12.48 3.89 12.03
C GLY A 159 -13.62 3.88 13.03
N GLU A 160 -14.60 4.77 12.87
CA GLU A 160 -15.75 4.76 13.78
C GLU A 160 -16.43 3.39 13.80
N ARG A 161 -16.46 2.71 12.66
CA ARG A 161 -17.19 1.46 12.51
C ARG A 161 -16.28 0.24 12.56
N GLY A 162 -15.01 0.41 12.89
CA GLY A 162 -14.12 -0.72 13.09
C GLY A 162 -13.07 -0.89 12.02
N TYR A 163 -13.16 -0.14 10.92
CA TYR A 163 -12.25 -0.32 9.79
C TYR A 163 -10.94 0.44 10.04
N GLY A 164 -10.21 -0.02 11.06
CA GLY A 164 -9.02 0.66 11.53
C GLY A 164 -7.83 0.55 10.59
N SER A 165 -7.88 -0.33 9.60
CA SER A 165 -6.80 -0.51 8.65
C SER A 165 -7.18 -0.02 7.25
N ALA A 166 -8.18 0.84 7.14
CA ALA A 166 -8.60 1.33 5.84
C ALA A 166 -7.44 1.99 5.11
N THR A 167 -7.37 1.77 3.80
CA THR A 167 -6.39 2.43 2.96
C THR A 167 -7.11 3.44 2.06
N VAL A 168 -6.38 4.49 1.71
CA VAL A 168 -6.83 5.47 0.72
C VAL A 168 -5.64 5.79 -0.18
N ASN A 169 -5.90 5.83 -1.48
CA ASN A 169 -4.84 6.09 -2.46
C ASN A 169 -5.37 7.12 -3.46
N SER A 170 -4.65 8.22 -3.60
CA SER A 170 -5.06 9.30 -4.49
C SER A 170 -4.53 9.02 -5.89
N VAL A 171 -5.43 9.05 -6.87
CA VAL A 171 -5.14 8.66 -8.24
C VAL A 171 -5.45 9.86 -9.14
N PRO A 172 -4.48 10.41 -9.86
CA PRO A 172 -4.70 11.64 -10.62
C PRO A 172 -5.13 11.44 -12.07
N ASP A 173 -5.88 12.43 -12.57
CA ASP A 173 -6.20 12.55 -13.99
C ASP A 173 -5.83 13.96 -14.44
N PHE A 174 -4.79 14.08 -15.25
CA PHE A 174 -4.22 15.37 -15.62
C PHE A 174 -4.80 15.92 -16.92
N ASP A 175 -5.09 17.22 -16.91
CA ASP A 175 -5.45 17.98 -18.11
C ASP A 175 -4.38 19.06 -18.28
N ASP A 176 -3.35 18.78 -19.08
CA ASP A 176 -2.23 19.70 -19.21
C ASP A 176 -2.63 20.96 -19.97
N ALA A 177 -3.49 20.82 -20.99
CA ALA A 177 -3.90 21.97 -21.78
C ALA A 177 -4.48 23.07 -20.90
N ASN A 178 -5.33 22.71 -19.94
CA ASN A 178 -5.97 23.67 -19.06
C ASN A 178 -5.33 23.73 -17.68
N LYS A 179 -4.30 22.92 -17.45
CA LYS A 179 -3.57 22.95 -16.18
C LYS A 179 -4.52 22.68 -15.01
N THR A 180 -5.31 21.61 -15.15
CA THR A 180 -6.14 21.12 -14.07
C THR A 180 -5.83 19.64 -13.84
N LEU A 181 -6.29 19.13 -12.71
CA LEU A 181 -6.14 17.72 -12.40
C LEU A 181 -7.36 17.27 -11.61
N ALA A 182 -7.80 16.04 -11.85
CA ALA A 182 -8.89 15.44 -11.09
C ALA A 182 -8.32 14.34 -10.20
N ILE A 183 -8.80 14.31 -8.95
CA ILE A 183 -8.33 13.34 -7.97
C ILE A 183 -9.44 12.31 -7.76
N THR A 184 -9.07 11.04 -7.86
CA THR A 184 -9.92 9.94 -7.41
C THR A 184 -9.26 9.33 -6.19
N LEU A 185 -9.95 9.36 -5.06
CA LEU A 185 -9.46 8.72 -3.84
C LEU A 185 -9.99 7.29 -3.80
N VAL A 186 -9.10 6.33 -4.00
CA VAL A 186 -9.48 4.92 -4.01
C VAL A 186 -9.41 4.43 -2.57
N VAL A 187 -10.58 4.16 -1.99
CA VAL A 187 -10.70 3.77 -0.59
C VAL A 187 -10.95 2.27 -0.52
N ASP A 188 -10.25 1.59 0.37
CA ASP A 188 -10.54 0.21 0.74
C ASP A 188 -10.66 0.13 2.25
N ALA A 189 -11.90 0.08 2.75
CA ALA A 189 -12.11 0.05 4.20
C ALA A 189 -11.48 -1.18 4.82
N GLY A 190 -11.32 -2.26 4.06
CA GLY A 190 -10.76 -3.47 4.61
C GLY A 190 -11.71 -4.15 5.58
N ARG A 191 -11.14 -4.86 6.54
CA ARG A 191 -11.91 -5.65 7.48
C ARG A 191 -12.25 -4.87 8.73
N ARG A 192 -13.42 -5.17 9.29
CA ARG A 192 -13.78 -4.67 10.60
C ARG A 192 -12.91 -5.36 11.64
N LEU A 193 -12.27 -4.59 12.49
CA LEU A 193 -11.27 -5.12 13.39
C LEU A 193 -11.83 -5.20 14.81
N THR A 194 -11.46 -6.27 15.51
CA THR A 194 -11.71 -6.42 16.93
C THR A 194 -10.41 -6.21 17.68
N VAL A 195 -10.49 -5.47 18.79
CA VAL A 195 -9.32 -5.19 19.61
C VAL A 195 -9.16 -6.33 20.60
N ARG A 196 -8.03 -7.04 20.51
CA ARG A 196 -7.73 -8.10 21.45
C ARG A 196 -7.18 -7.53 22.75
N GLN A 197 -6.05 -6.85 22.68
CA GLN A 197 -5.39 -6.27 23.84
C GLN A 197 -5.17 -4.77 23.66
N LEU A 198 -5.33 -4.02 24.75
CA LEU A 198 -4.77 -2.67 24.88
C LEU A 198 -3.45 -2.78 25.62
N ARG A 199 -2.37 -2.41 24.94
CA ARG A 199 -1.01 -2.50 25.45
C ARG A 199 -0.41 -1.12 25.60
N PHE A 200 0.39 -0.93 26.65
CA PHE A 200 1.10 0.32 26.90
C PHE A 200 2.61 0.12 26.84
N GLU A 201 3.28 1.02 26.12
CA GLU A 201 4.73 1.12 26.09
C GLU A 201 5.18 2.43 26.74
N GLY A 202 6.39 2.43 27.28
CA GLY A 202 6.98 3.64 27.82
C GLY A 202 6.55 4.02 29.23
N ASN A 203 5.62 3.28 29.83
CA ASN A 203 5.06 3.63 31.14
C ASN A 203 5.82 2.97 32.28
N THR A 204 6.45 3.80 33.13
CA THR A 204 7.08 3.34 34.36
C THR A 204 6.37 3.80 35.63
N VAL A 205 5.63 4.90 35.58
CA VAL A 205 5.01 5.44 36.78
C VAL A 205 3.76 4.63 37.13
N SER A 206 2.91 4.38 36.15
CA SER A 206 1.64 3.73 36.36
C SER A 206 1.65 2.36 35.68
N ALA A 207 1.07 1.37 36.35
CA ALA A 207 0.98 0.02 35.80
C ALA A 207 0.10 0.02 34.55
N ASP A 208 0.31 -1.01 33.71
CA ASP A 208 -0.48 -1.13 32.49
C ASP A 208 -1.96 -1.14 32.80
N SER A 209 -2.36 -1.89 33.83
CA SER A 209 -3.77 -1.97 34.20
C SER A 209 -4.30 -0.64 34.70
N THR A 210 -3.46 0.16 35.38
CA THR A 210 -3.87 1.50 35.77
C THR A 210 -4.18 2.36 34.56
N LEU A 211 -3.26 2.41 33.59
CA LEU A 211 -3.51 3.18 32.38
C LEU A 211 -4.70 2.62 31.62
N ARG A 212 -4.74 1.29 31.42
CA ARG A 212 -5.88 0.67 30.77
C ARG A 212 -7.20 1.17 31.34
N GLN A 213 -7.24 1.48 32.63
CA GLN A 213 -8.47 1.97 33.25
C GLN A 213 -8.89 3.32 32.69
N GLU A 214 -7.94 4.12 32.21
CA GLU A 214 -8.27 5.45 31.67
C GLU A 214 -8.72 5.39 30.23
N MET A 215 -8.66 4.23 29.59
CA MET A 215 -9.00 4.09 28.19
C MET A 215 -10.51 3.89 28.04
N ARG A 216 -11.04 4.31 26.89
CA ARG A 216 -12.44 4.09 26.59
C ARG A 216 -12.66 3.05 25.51
N GLN A 217 -11.66 2.76 24.69
CA GLN A 217 -11.66 1.54 23.90
C GLN A 217 -11.58 0.35 24.85
N GLN A 218 -12.45 -0.63 24.66
CA GLN A 218 -12.45 -1.84 25.46
C GLN A 218 -11.89 -3.02 24.67
N GLU A 219 -11.23 -3.92 25.38
CA GLU A 219 -10.70 -5.13 24.76
C GLU A 219 -11.82 -6.10 24.43
N GLY A 220 -11.59 -6.93 23.43
CA GLY A 220 -12.54 -7.95 23.04
C GLY A 220 -13.72 -7.50 22.23
N THR A 221 -13.73 -6.26 21.73
CA THR A 221 -14.83 -5.77 20.93
C THR A 221 -14.28 -4.89 19.81
N TRP A 222 -15.20 -4.32 19.03
CA TRP A 222 -14.82 -3.65 17.79
C TRP A 222 -13.97 -2.42 18.05
N TYR A 223 -12.88 -2.31 17.30
CA TYR A 223 -12.12 -1.07 17.22
C TYR A 223 -13.06 0.10 16.95
N ASN A 224 -12.83 1.21 17.64
CA ASN A 224 -13.58 2.44 17.43
C ASN A 224 -12.58 3.59 17.54
N SER A 225 -12.21 4.15 16.39
CA SER A 225 -11.20 5.21 16.36
C SER A 225 -11.55 6.35 17.30
N GLN A 226 -12.84 6.62 17.48
CA GLN A 226 -13.23 7.70 18.37
C GLN A 226 -12.86 7.39 19.82
N LEU A 227 -13.13 6.16 20.27
CA LEU A 227 -12.81 5.80 21.64
C LEU A 227 -11.30 5.61 21.84
N VAL A 228 -10.59 5.19 20.80
CA VAL A 228 -9.13 5.10 20.87
C VAL A 228 -8.52 6.50 21.02
N GLU A 229 -8.92 7.42 20.15
CA GLU A 229 -8.48 8.81 20.27
C GLU A 229 -8.81 9.37 21.66
N LEU A 230 -10.00 9.07 22.17
CA LEU A 230 -10.43 9.66 23.43
C LEU A 230 -9.51 9.24 24.57
N GLY A 231 -9.00 8.00 24.52
CA GLY A 231 -8.00 7.59 25.49
C GLY A 231 -6.71 8.37 25.39
N LYS A 232 -6.25 8.62 24.16
CA LYS A 232 -5.04 9.40 23.96
C LYS A 232 -5.23 10.82 24.46
N ILE A 233 -6.43 11.38 24.28
CA ILE A 233 -6.74 12.71 24.80
C ILE A 233 -6.70 12.69 26.32
N ARG A 234 -7.36 11.70 26.92
CA ARG A 234 -7.47 11.62 28.37
C ARG A 234 -6.09 11.50 29.01
N LEU A 235 -5.12 10.96 28.28
CA LEU A 235 -3.74 10.94 28.75
C LEU A 235 -3.02 12.25 28.46
N ASP A 236 -3.22 12.83 27.27
CA ASP A 236 -2.63 14.12 26.96
C ASP A 236 -2.99 15.19 27.98
N ARG A 237 -4.24 15.21 28.43
CA ARG A 237 -4.73 16.30 29.26
C ARG A 237 -4.08 16.33 30.64
N THR A 238 -3.63 15.18 31.15
CA THR A 238 -3.08 15.14 32.50
C THR A 238 -1.80 15.97 32.63
N GLY A 239 -1.06 16.12 31.54
CA GLY A 239 0.20 16.84 31.58
C GLY A 239 1.37 15.97 31.98
N PHE A 240 1.12 14.71 32.36
CA PHE A 240 2.14 13.81 32.88
C PHE A 240 3.09 13.27 31.82
N PHE A 241 2.85 13.57 30.54
CA PHE A 241 3.59 12.94 29.46
C PHE A 241 4.06 13.97 28.46
N GLU A 242 5.26 13.73 27.97
CA GLU A 242 5.82 14.55 26.89
C GLU A 242 5.14 14.23 25.58
N THR A 243 4.97 12.94 25.26
CA THR A 243 4.19 12.51 24.11
C THR A 243 3.22 11.41 24.49
N VAL A 244 2.07 11.39 23.81
CA VAL A 244 1.17 10.24 23.83
C VAL A 244 0.82 9.89 22.40
N GLU A 245 0.95 8.61 22.06
CA GLU A 245 0.71 8.14 20.71
C GLU A 245 0.03 6.78 20.80
N ASN A 246 -0.66 6.39 19.73
CA ASN A 246 -1.28 5.08 19.69
C ASN A 246 -1.12 4.52 18.28
N ARG A 247 -1.13 3.18 18.20
CA ARG A 247 -1.00 2.50 16.91
C ARG A 247 -1.76 1.18 16.96
N ILE A 248 -1.98 0.63 15.77
CA ILE A 248 -2.61 -0.67 15.60
C ILE A 248 -1.50 -1.70 15.34
N ASP A 249 -1.45 -2.75 16.18
CA ASP A 249 -0.49 -3.83 16.01
C ASP A 249 -1.16 -5.05 15.39
N PRO A 250 -0.76 -5.49 14.20
CA PRO A 250 -1.33 -6.72 13.64
C PRO A 250 -0.97 -7.94 14.49
N ILE A 251 -1.84 -8.94 14.46
CA ILE A 251 -1.64 -10.21 15.14
C ILE A 251 -1.35 -11.27 14.08
N ASN A 252 -0.16 -11.88 14.18
CA ASN A 252 0.25 -12.97 13.30
C ASN A 252 -0.90 -13.92 13.02
N GLY A 253 -1.20 -14.10 11.74
CA GLY A 253 -2.20 -15.04 11.27
C GLY A 253 -3.63 -14.66 11.57
N SER A 254 -3.89 -13.40 11.93
CA SER A 254 -5.25 -12.89 11.98
C SER A 254 -5.42 -11.80 10.94
N ASN A 255 -6.62 -11.71 10.38
CA ASN A 255 -7.02 -10.56 9.59
C ASN A 255 -8.11 -9.76 10.27
N ASP A 256 -8.65 -10.26 11.38
CA ASP A 256 -9.82 -9.70 12.03
C ASP A 256 -9.54 -9.13 13.42
N GLU A 257 -8.44 -9.51 14.05
CA GLU A 257 -8.09 -9.03 15.38
C GLU A 257 -6.80 -8.23 15.32
N VAL A 258 -6.73 -7.19 16.15
CA VAL A 258 -5.53 -6.37 16.32
C VAL A 258 -5.41 -6.01 17.80
N ASP A 259 -4.19 -5.64 18.19
CA ASP A 259 -3.95 -4.97 19.46
C ASP A 259 -3.81 -3.48 19.21
N VAL A 260 -4.21 -2.68 20.20
CA VAL A 260 -4.00 -1.24 20.21
C VAL A 260 -2.95 -0.91 21.25
N VAL A 261 -1.90 -0.23 20.82
CA VAL A 261 -0.73 0.07 21.66
C VAL A 261 -0.65 1.58 21.87
N TYR A 262 -0.66 2.01 23.14
CA TYR A 262 -0.43 3.41 23.50
C TYR A 262 1.03 3.58 23.94
N LYS A 263 1.77 4.44 23.24
CA LYS A 263 3.18 4.74 23.53
C LYS A 263 3.30 6.09 24.23
N VAL A 264 3.52 6.07 25.56
CA VAL A 264 3.78 7.29 26.32
C VAL A 264 5.28 7.50 26.52
N LYS A 265 5.70 8.77 26.52
CA LYS A 265 7.04 9.18 26.94
C LYS A 265 6.87 10.01 28.22
N GLU A 266 7.41 9.53 29.32
CA GLU A 266 7.17 10.16 30.62
C GLU A 266 8.07 11.38 30.84
N GLY B 13 3.57 -21.29 22.14
CA GLY B 13 4.39 -22.28 22.84
C GLY B 13 3.65 -22.91 24.01
N LEU B 14 3.39 -22.12 25.03
CA LEU B 14 2.66 -22.59 26.20
C LEU B 14 1.17 -22.72 25.90
N VAL B 15 0.56 -23.75 26.46
CA VAL B 15 -0.90 -23.96 26.45
C VAL B 15 -1.40 -24.63 25.17
N PRO B 16 -2.03 -25.81 25.27
CA PRO B 16 -2.66 -26.43 24.10
C PRO B 16 -3.92 -25.70 23.67
N ARG B 17 -4.20 -25.82 22.37
CA ARG B 17 -5.41 -25.24 21.81
C ARG B 17 -6.65 -25.75 22.54
N GLY B 18 -6.74 -27.06 22.73
CA GLY B 18 -7.88 -27.64 23.39
C GLY B 18 -9.17 -27.35 22.66
N SER B 19 -9.29 -27.87 21.45
CA SER B 19 -10.35 -27.46 20.53
C SER B 19 -11.45 -28.51 20.54
N HIS B 20 -12.69 -28.03 20.44
CA HIS B 20 -13.85 -28.88 20.25
C HIS B 20 -14.25 -28.91 18.78
N MET B 21 -15.00 -29.96 18.42
CA MET B 21 -15.29 -30.26 17.03
C MET B 21 -16.76 -30.05 16.67
N ALA B 22 -17.02 -29.69 15.42
CA ALA B 22 -18.38 -29.52 14.92
C ALA B 22 -18.45 -29.79 13.42
N LYS B 23 -19.60 -30.30 12.99
CA LYS B 23 -19.90 -30.60 11.60
C LYS B 23 -20.53 -29.36 10.96
N LEU B 24 -20.12 -29.04 9.72
CA LEU B 24 -20.78 -27.96 8.99
C LEU B 24 -22.17 -28.41 8.57
N ALA B 25 -23.19 -27.79 9.15
CA ALA B 25 -24.58 -28.17 8.85
C ALA B 25 -25.12 -27.44 7.63
N SER B 26 -25.19 -26.11 7.67
CA SER B 26 -25.81 -25.34 6.60
C SER B 26 -24.96 -24.15 6.18
N LEU B 27 -25.13 -23.77 4.92
CA LEU B 27 -24.53 -22.59 4.31
C LEU B 27 -25.66 -21.67 3.83
N THR B 28 -25.69 -20.44 4.33
CA THR B 28 -26.76 -19.51 4.01
C THR B 28 -26.18 -18.23 3.43
N PHE B 29 -26.81 -17.76 2.35
CA PHE B 29 -26.46 -16.50 1.73
C PHE B 29 -27.60 -15.50 1.90
N LYS B 30 -27.24 -14.24 2.19
CA LYS B 30 -28.20 -13.16 2.30
C LYS B 30 -27.75 -12.00 1.44
N GLY B 31 -28.71 -11.30 0.85
CA GLY B 31 -28.43 -10.20 -0.04
C GLY B 31 -28.17 -10.61 -1.47
N ASN B 32 -28.12 -11.90 -1.79
CA ASN B 32 -27.82 -12.35 -3.15
C ASN B 32 -29.12 -12.42 -3.94
N GLU B 33 -29.59 -11.26 -4.36
CA GLU B 33 -30.82 -11.16 -5.12
C GLU B 33 -30.64 -11.57 -6.57
N SER B 34 -29.45 -11.34 -7.12
CA SER B 34 -29.20 -11.49 -8.54
C SER B 34 -28.52 -12.80 -8.90
N VAL B 35 -27.96 -13.50 -7.91
CA VAL B 35 -27.24 -14.75 -8.15
C VAL B 35 -27.72 -15.77 -7.12
N SER B 36 -28.05 -16.97 -7.58
CA SER B 36 -28.65 -17.96 -6.70
C SER B 36 -27.64 -18.45 -5.68
N SER B 37 -28.15 -18.81 -4.50
CA SER B 37 -27.32 -19.40 -3.46
C SER B 37 -26.56 -20.62 -3.96
N SER B 38 -27.22 -21.47 -4.76
CA SER B 38 -26.56 -22.68 -5.24
C SER B 38 -25.36 -22.35 -6.12
N THR B 39 -25.44 -21.28 -6.93
CA THR B 39 -24.28 -20.86 -7.71
C THR B 39 -23.13 -20.44 -6.80
N LEU B 40 -23.41 -19.63 -5.79
CA LEU B 40 -22.36 -19.18 -4.90
C LEU B 40 -21.76 -20.35 -4.12
N GLN B 41 -22.61 -21.22 -3.56
CA GLN B 41 -22.11 -22.37 -2.82
C GLN B 41 -21.15 -23.21 -3.66
N GLU B 42 -21.42 -23.33 -4.97
CA GLU B 42 -20.56 -24.14 -5.82
C GLU B 42 -19.17 -23.55 -5.95
N GLN B 43 -19.01 -22.25 -5.72
CA GLN B 43 -17.69 -21.63 -5.75
C GLN B 43 -16.83 -22.01 -4.56
N MET B 44 -17.41 -22.63 -3.54
CA MET B 44 -16.74 -22.89 -2.27
C MET B 44 -16.25 -24.32 -2.20
N GLU B 45 -15.07 -24.50 -1.59
CA GLU B 45 -14.59 -25.83 -1.23
C GLU B 45 -15.29 -26.37 0.00
N LEU B 46 -15.58 -25.52 0.97
CA LEU B 46 -16.24 -25.95 2.20
C LEU B 46 -17.71 -26.23 1.92
N GLN B 47 -18.06 -27.51 1.89
CA GLN B 47 -19.42 -27.95 1.65
C GLN B 47 -20.00 -28.52 2.93
N PRO B 48 -21.33 -28.44 3.11
CA PRO B 48 -21.93 -29.04 4.30
C PRO B 48 -21.42 -30.45 4.55
N ASP B 49 -21.37 -30.81 5.83
CA ASP B 49 -20.88 -32.09 6.35
C ASP B 49 -19.36 -32.10 6.49
N SER B 50 -18.68 -30.95 6.31
CA SER B 50 -17.26 -30.90 6.59
C SER B 50 -17.02 -30.69 8.08
N TRP B 51 -15.80 -31.02 8.52
CA TRP B 51 -15.45 -31.01 9.94
C TRP B 51 -14.63 -29.77 10.28
N TRP B 52 -14.99 -29.11 11.38
CA TRP B 52 -14.42 -27.84 11.81
C TRP B 52 -13.85 -27.92 13.22
N LYS B 53 -12.60 -27.49 13.39
CA LYS B 53 -11.99 -27.40 14.72
C LYS B 53 -12.20 -26.00 15.29
N LEU B 54 -12.79 -25.92 16.49
CA LEU B 54 -13.05 -24.66 17.14
C LEU B 54 -12.42 -24.63 18.53
N TRP B 55 -11.85 -23.48 18.89
CA TRP B 55 -11.30 -23.28 20.23
C TRP B 55 -11.56 -21.84 20.65
N GLY B 56 -12.30 -21.65 21.73
CA GLY B 56 -12.71 -20.30 22.11
C GLY B 56 -13.59 -19.73 21.04
N ASN B 57 -13.28 -18.50 20.61
CA ASN B 57 -14.00 -17.85 19.52
C ASN B 57 -13.22 -17.92 18.22
N LYS B 58 -12.37 -18.93 18.06
CA LYS B 58 -11.51 -19.08 16.90
C LYS B 58 -11.79 -20.40 16.17
N PHE B 59 -11.69 -20.37 14.85
CA PHE B 59 -11.68 -21.60 14.05
C PHE B 59 -10.54 -21.53 13.04
N GLU B 60 -10.19 -22.70 12.48
CA GLU B 60 -9.19 -22.74 11.42
C GLU B 60 -9.77 -22.09 10.17
N GLY B 61 -9.18 -20.99 9.74
CA GLY B 61 -9.73 -20.12 8.72
C GLY B 61 -9.20 -20.18 7.30
N ALA B 62 -8.16 -20.96 7.02
CA ALA B 62 -7.47 -20.83 5.74
C ALA B 62 -8.41 -21.08 4.56
N GLN B 63 -9.07 -22.24 4.52
CA GLN B 63 -9.93 -22.54 3.38
C GLN B 63 -11.14 -21.61 3.36
N PHE B 64 -11.66 -21.26 4.53
CA PHE B 64 -12.81 -20.37 4.62
C PHE B 64 -12.54 -19.05 3.91
N GLU B 65 -11.40 -18.42 4.21
CA GLU B 65 -11.05 -17.16 3.55
C GLU B 65 -10.93 -17.32 2.04
N LYS B 66 -10.34 -18.43 1.60
CA LYS B 66 -10.24 -18.66 0.16
C LYS B 66 -11.61 -18.82 -0.47
N ASP B 67 -12.52 -19.49 0.24
CA ASP B 67 -13.89 -19.62 -0.25
C ASP B 67 -14.58 -18.26 -0.34
N LEU B 68 -14.35 -17.39 0.64
CA LEU B 68 -14.93 -16.06 0.57
C LEU B 68 -14.37 -15.28 -0.61
N GLN B 69 -13.08 -15.46 -0.90
CA GLN B 69 -12.49 -14.77 -2.04
C GLN B 69 -13.02 -15.32 -3.35
N SER B 70 -13.29 -16.63 -3.41
CA SER B 70 -13.94 -17.19 -4.59
C SER B 70 -15.34 -16.60 -4.78
N ILE B 71 -16.04 -16.33 -3.69
CA ILE B 71 -17.35 -15.69 -3.80
C ILE B 71 -17.18 -14.29 -4.40
N ARG B 72 -16.29 -13.49 -3.83
CA ARG B 72 -16.05 -12.15 -4.35
C ARG B 72 -15.63 -12.20 -5.81
N ASP B 73 -14.66 -13.07 -6.13
CA ASP B 73 -14.20 -13.20 -7.50
C ASP B 73 -15.34 -13.57 -8.43
N TYR B 74 -16.28 -14.41 -7.97
CA TYR B 74 -17.36 -14.80 -8.86
C TYR B 74 -18.19 -13.58 -9.24
N TYR B 75 -18.60 -12.79 -8.24
CA TYR B 75 -19.35 -11.57 -8.51
C TYR B 75 -18.57 -10.62 -9.40
N LEU B 76 -17.29 -10.38 -9.06
CA LEU B 76 -16.50 -9.38 -9.77
C LEU B 76 -16.18 -9.83 -11.19
N ASN B 77 -16.12 -11.13 -11.42
CA ASN B 77 -15.85 -11.69 -12.74
C ASN B 77 -17.09 -11.89 -13.59
N ASN B 78 -18.28 -11.64 -13.05
CA ASN B 78 -19.53 -11.77 -13.78
C ASN B 78 -20.34 -10.48 -13.78
N GLY B 79 -19.65 -9.33 -13.76
CA GLY B 79 -20.26 -8.05 -14.01
C GLY B 79 -20.60 -7.22 -12.79
N TYR B 80 -20.59 -7.81 -11.60
CA TYR B 80 -21.00 -7.10 -10.38
C TYR B 80 -19.80 -6.37 -9.77
N ALA B 81 -19.43 -5.28 -10.44
CA ALA B 81 -18.18 -4.59 -10.13
C ALA B 81 -18.16 -3.99 -8.74
N LYS B 82 -19.33 -3.64 -8.19
CA LYS B 82 -19.40 -3.04 -6.86
C LYS B 82 -19.72 -4.04 -5.76
N ALA B 83 -19.82 -5.33 -6.10
CA ALA B 83 -20.16 -6.34 -5.10
C ALA B 83 -19.17 -6.37 -3.95
N GLN B 84 -19.69 -6.53 -2.73
CA GLN B 84 -18.90 -6.71 -1.54
C GLN B 84 -19.52 -7.79 -0.66
N ILE B 85 -18.69 -8.58 -0.01
CA ILE B 85 -19.15 -9.39 1.11
C ILE B 85 -19.13 -8.47 2.34
N THR B 86 -20.31 -8.11 2.84
CA THR B 86 -20.37 -7.11 3.90
C THR B 86 -20.11 -7.73 5.26
N LYS B 87 -20.54 -8.98 5.46
CA LYS B 87 -20.32 -9.66 6.73
C LYS B 87 -20.46 -11.16 6.52
N THR B 88 -19.81 -11.92 7.39
CA THR B 88 -19.96 -13.36 7.44
C THR B 88 -20.18 -13.75 8.89
N ASP B 89 -20.81 -14.91 9.09
CA ASP B 89 -21.21 -15.36 10.42
C ASP B 89 -21.00 -16.86 10.52
N VAL B 90 -20.03 -17.28 11.34
CA VAL B 90 -19.84 -18.69 11.67
C VAL B 90 -20.41 -18.88 13.06
N GLN B 91 -21.49 -19.67 13.15
CA GLN B 91 -22.18 -19.89 14.41
C GLN B 91 -22.29 -21.39 14.70
N LEU B 92 -22.24 -21.72 15.98
CA LEU B 92 -22.47 -23.08 16.45
C LEU B 92 -23.92 -23.25 16.83
N ASN B 93 -24.44 -24.45 16.59
CA ASN B 93 -25.80 -24.73 17.01
C ASN B 93 -25.83 -24.89 18.52
N ASP B 94 -27.01 -24.70 19.12
CA ASP B 94 -27.06 -24.55 20.57
C ASP B 94 -26.60 -25.83 21.26
N GLU B 95 -26.76 -26.98 20.61
CA GLU B 95 -26.04 -28.19 21.03
C GLU B 95 -24.53 -28.01 20.91
N LYS B 96 -24.07 -27.07 20.11
CA LYS B 96 -22.65 -26.82 19.89
C LYS B 96 -21.96 -28.01 19.22
N THR B 97 -22.73 -28.82 18.49
CA THR B 97 -22.19 -29.95 17.73
C THR B 97 -22.14 -29.71 16.23
N LYS B 98 -22.69 -28.60 15.75
CA LYS B 98 -22.73 -28.28 14.33
C LYS B 98 -22.48 -26.79 14.17
N VAL B 99 -21.81 -26.42 13.07
CA VAL B 99 -21.61 -25.02 12.71
C VAL B 99 -22.52 -24.68 11.54
N ASN B 100 -23.06 -23.46 11.58
CA ASN B 100 -23.90 -22.92 10.52
C ASN B 100 -23.27 -21.63 10.02
N VAL B 101 -23.05 -21.54 8.71
CA VAL B 101 -22.38 -20.40 8.11
C VAL B 101 -23.40 -19.53 7.38
N THR B 102 -23.27 -18.22 7.52
CA THR B 102 -24.08 -17.25 6.82
C THR B 102 -23.16 -16.19 6.21
N ILE B 103 -23.37 -15.88 4.94
CA ILE B 103 -22.54 -14.93 4.19
C ILE B 103 -23.46 -13.83 3.65
N ASP B 104 -23.19 -12.58 4.03
CA ASP B 104 -23.95 -11.43 3.57
C ASP B 104 -23.24 -10.75 2.41
N VAL B 105 -23.97 -10.48 1.34
CA VAL B 105 -23.40 -9.81 0.16
C VAL B 105 -24.24 -8.59 -0.19
N ASN B 106 -23.58 -7.54 -0.66
CA ASN B 106 -24.22 -6.37 -1.26
C ASN B 106 -23.75 -6.34 -2.70
N GLU B 107 -24.64 -6.75 -3.60
CA GLU B 107 -24.27 -7.09 -4.97
C GLU B 107 -23.98 -5.88 -5.83
N GLY B 108 -24.80 -4.84 -5.73
CA GLY B 108 -24.79 -3.80 -6.73
C GLY B 108 -25.33 -4.33 -8.05
N LEU B 109 -25.19 -3.52 -9.09
CA LEU B 109 -25.72 -3.83 -10.40
C LEU B 109 -24.76 -4.70 -11.20
N GLN B 110 -25.31 -5.37 -12.21
CA GLN B 110 -24.51 -6.08 -13.19
C GLN B 110 -24.15 -5.12 -14.32
N TYR B 111 -22.86 -4.84 -14.46
CA TYR B 111 -22.36 -3.87 -15.43
C TYR B 111 -21.65 -4.57 -16.59
N ASP B 112 -21.77 -3.97 -17.77
CA ASP B 112 -20.90 -4.29 -18.89
C ASP B 112 -19.78 -3.27 -18.98
N LEU B 113 -18.64 -3.72 -19.49
CA LEU B 113 -17.50 -2.84 -19.77
C LEU B 113 -17.70 -2.20 -21.13
N ARG B 114 -17.90 -0.88 -21.17
CA ARG B 114 -18.11 -0.20 -22.43
C ARG B 114 -16.85 0.34 -23.06
N SER B 115 -15.82 0.62 -22.27
CA SER B 115 -14.59 1.17 -22.84
C SER B 115 -13.47 1.07 -21.80
N ALA B 116 -12.24 1.19 -22.28
CA ALA B 116 -11.05 1.10 -21.45
C ALA B 116 -9.96 1.94 -22.08
N ARG B 117 -9.24 2.70 -21.25
CA ARG B 117 -8.15 3.53 -21.71
C ARG B 117 -7.01 3.47 -20.71
N ILE B 118 -5.82 3.86 -21.19
CA ILE B 118 -4.61 3.96 -20.38
C ILE B 118 -4.20 5.43 -20.33
N ILE B 119 -3.90 5.94 -19.13
CA ILE B 119 -3.37 7.29 -18.97
C ILE B 119 -2.30 7.27 -17.90
N GLY B 120 -1.51 8.35 -17.86
CA GLY B 120 -0.58 8.59 -16.77
C GLY B 120 0.85 8.71 -17.24
N ASN B 121 1.77 8.23 -16.42
CA ASN B 121 3.19 8.27 -16.69
C ASN B 121 3.60 6.89 -17.22
N LEU B 122 3.80 6.82 -18.53
CA LEU B 122 3.93 5.54 -19.23
C LEU B 122 5.37 5.21 -19.60
N GLY B 123 6.34 5.95 -19.08
CA GLY B 123 7.73 5.66 -19.38
C GLY B 123 8.02 5.54 -20.86
N GLY B 124 7.31 6.31 -21.69
CA GLY B 124 7.52 6.28 -23.13
C GLY B 124 7.02 5.04 -23.82
N MET B 125 6.23 4.20 -23.16
CA MET B 125 5.83 2.90 -23.69
C MET B 125 4.36 2.85 -24.12
N SER B 126 3.72 4.01 -24.31
CA SER B 126 2.32 4.07 -24.72
C SER B 126 2.03 3.08 -25.84
N ALA B 127 2.92 3.04 -26.83
CA ALA B 127 2.67 2.19 -28.01
C ALA B 127 2.72 0.71 -27.66
N GLU B 128 3.54 0.32 -26.68
CA GLU B 128 3.60 -1.08 -26.28
C GLU B 128 2.51 -1.43 -25.27
N LEU B 129 1.97 -0.47 -24.54
CA LEU B 129 0.92 -0.77 -23.58
C LEU B 129 -0.45 -0.84 -24.25
N GLU B 130 -0.71 0.05 -25.20
CA GLU B 130 -2.01 0.14 -25.85
C GLU B 130 -2.52 -1.21 -26.36
N PRO B 131 -1.72 -2.02 -27.07
CA PRO B 131 -2.23 -3.32 -27.54
C PRO B 131 -2.68 -4.24 -26.43
N LEU B 132 -2.22 -4.04 -25.19
CA LEU B 132 -2.62 -4.91 -24.10
C LEU B 132 -4.10 -4.81 -23.78
N LEU B 133 -4.74 -3.69 -24.13
CA LEU B 133 -6.17 -3.53 -23.90
C LEU B 133 -7.01 -4.46 -24.75
N SER B 134 -6.39 -5.20 -25.68
CA SER B 134 -7.14 -6.13 -26.51
C SER B 134 -7.58 -7.36 -25.72
N ALA B 135 -6.90 -7.68 -24.62
CA ALA B 135 -7.36 -8.74 -23.75
C ALA B 135 -8.73 -8.45 -23.15
N LEU B 136 -9.19 -7.21 -23.23
CA LEU B 136 -10.47 -6.83 -22.64
C LEU B 136 -11.59 -7.06 -23.65
N HIS B 137 -12.78 -7.36 -23.14
CA HIS B 137 -13.94 -7.65 -23.96
C HIS B 137 -14.94 -6.52 -23.81
N LEU B 138 -14.93 -5.59 -24.76
CA LEU B 138 -15.76 -4.40 -24.68
C LEU B 138 -17.19 -4.77 -25.00
N ASN B 139 -18.12 -4.03 -24.38
CA ASN B 139 -19.55 -4.29 -24.54
C ASN B 139 -19.90 -5.71 -24.11
N ASP B 140 -19.17 -6.21 -23.13
CA ASP B 140 -19.42 -7.51 -22.53
C ASP B 140 -19.38 -7.34 -21.01
N THR B 141 -19.85 -8.38 -20.33
CA THR B 141 -19.90 -8.40 -18.87
C THR B 141 -18.56 -7.99 -18.28
N PHE B 142 -18.60 -7.07 -17.33
CA PHE B 142 -17.37 -6.66 -16.65
C PHE B 142 -16.75 -7.86 -15.95
N ARG B 143 -15.44 -8.02 -16.12
CA ARG B 143 -14.68 -9.12 -15.52
C ARG B 143 -13.43 -8.53 -14.89
N ARG B 144 -13.44 -8.40 -13.56
CA ARG B 144 -12.28 -7.84 -12.86
C ARG B 144 -10.99 -8.52 -13.28
N SER B 145 -11.00 -9.85 -13.41
CA SER B 145 -9.76 -10.58 -13.66
C SER B 145 -9.19 -10.26 -15.04
N ASP B 146 -10.03 -9.87 -16.01
CA ASP B 146 -9.50 -9.34 -17.26
C ASP B 146 -8.76 -8.03 -17.03
N ILE B 147 -9.31 -7.16 -16.17
CA ILE B 147 -8.61 -5.91 -15.85
C ILE B 147 -7.33 -6.21 -15.12
N ALA B 148 -7.38 -7.14 -14.15
CA ALA B 148 -6.18 -7.50 -13.40
C ALA B 148 -5.10 -8.06 -14.32
N ASP B 149 -5.49 -8.83 -15.34
CA ASP B 149 -4.50 -9.39 -16.25
C ASP B 149 -3.82 -8.28 -17.05
N VAL B 150 -4.57 -7.27 -17.46
CA VAL B 150 -3.99 -6.15 -18.18
C VAL B 150 -3.06 -5.36 -17.27
N GLU B 151 -3.46 -5.16 -16.00
CA GLU B 151 -2.60 -4.44 -15.06
C GLU B 151 -1.25 -5.13 -14.92
N ASN B 152 -1.25 -6.46 -14.78
CA ASN B 152 0.00 -7.18 -14.61
C ASN B 152 0.82 -7.16 -15.89
N ALA B 153 0.16 -7.25 -17.05
CA ALA B 153 0.90 -7.17 -18.30
C ALA B 153 1.54 -5.79 -18.48
N ILE B 154 0.84 -4.73 -18.07
CA ILE B 154 1.42 -3.39 -18.13
C ILE B 154 2.67 -3.31 -17.26
N LYS B 155 2.59 -3.85 -16.05
CA LYS B 155 3.73 -3.83 -15.14
C LYS B 155 4.88 -4.67 -15.66
N ALA B 156 4.58 -5.81 -16.29
CA ALA B 156 5.64 -6.63 -16.85
C ALA B 156 6.31 -5.92 -18.01
N LYS B 157 5.53 -5.23 -18.85
CA LYS B 157 6.10 -4.50 -19.97
C LYS B 157 7.03 -3.39 -19.49
N LEU B 158 6.54 -2.58 -18.55
CA LEU B 158 7.36 -1.51 -18.00
C LEU B 158 8.58 -2.07 -17.26
N GLY B 159 8.40 -3.21 -16.57
CA GLY B 159 9.52 -3.80 -15.86
C GLY B 159 10.64 -4.26 -16.77
N GLU B 160 10.30 -4.69 -17.99
CA GLU B 160 11.30 -5.11 -18.95
C GLU B 160 12.31 -4.01 -19.24
N ARG B 161 11.86 -2.76 -19.18
CA ARG B 161 12.67 -1.62 -19.58
C ARG B 161 13.27 -0.89 -18.39
N GLY B 162 13.08 -1.39 -17.18
CA GLY B 162 13.66 -0.80 -15.98
C GLY B 162 12.67 -0.17 -15.02
N TYR B 163 11.41 -0.01 -15.42
CA TYR B 163 10.40 0.63 -14.56
C TYR B 163 9.78 -0.41 -13.62
N GLY B 164 10.63 -0.93 -12.74
CA GLY B 164 10.27 -2.05 -11.89
C GLY B 164 9.30 -1.73 -10.77
N SER B 165 9.07 -0.45 -10.49
CA SER B 165 8.18 -0.03 -9.42
C SER B 165 6.88 0.54 -9.95
N ALA B 166 6.56 0.26 -11.21
CA ALA B 166 5.36 0.81 -11.82
C ALA B 166 4.11 0.40 -11.04
N THR B 167 3.19 1.35 -10.92
CA THR B 167 1.88 1.11 -10.34
C THR B 167 0.82 1.24 -11.43
N VAL B 168 -0.29 0.53 -11.23
CA VAL B 168 -1.49 0.70 -12.06
C VAL B 168 -2.69 0.70 -11.13
N ASN B 169 -3.59 1.65 -11.36
CA ASN B 169 -4.79 1.80 -10.55
C ASN B 169 -5.97 1.92 -11.51
N SER B 170 -6.91 0.99 -11.39
CA SER B 170 -8.07 0.98 -12.26
C SER B 170 -9.15 1.83 -11.64
N VAL B 171 -9.67 2.80 -12.40
CA VAL B 171 -10.61 3.78 -11.93
C VAL B 171 -11.88 3.65 -12.78
N PRO B 172 -13.01 3.26 -12.20
CA PRO B 172 -14.22 3.06 -13.00
C PRO B 172 -15.07 4.32 -13.09
N ASP B 173 -15.80 4.41 -14.20
CA ASP B 173 -16.80 5.45 -14.41
C ASP B 173 -18.13 4.75 -14.66
N PHE B 174 -19.03 4.82 -13.69
CA PHE B 174 -20.25 4.03 -13.70
C PHE B 174 -21.39 4.81 -14.36
N ASP B 175 -22.14 4.14 -15.22
CA ASP B 175 -23.39 4.67 -15.78
C ASP B 175 -24.50 3.70 -15.36
N ASP B 176 -25.18 4.04 -14.26
CA ASP B 176 -26.23 3.17 -13.72
C ASP B 176 -27.46 3.14 -14.62
N ALA B 177 -27.76 4.25 -15.30
CA ALA B 177 -28.90 4.28 -16.21
C ALA B 177 -28.81 3.17 -17.25
N ASN B 178 -27.61 2.98 -17.82
CA ASN B 178 -27.38 2.02 -18.89
C ASN B 178 -26.62 0.78 -18.44
N LYS B 179 -26.23 0.70 -17.16
CA LYS B 179 -25.53 -0.44 -16.59
C LYS B 179 -24.24 -0.77 -17.36
N THR B 180 -23.45 0.27 -17.59
CA THR B 180 -22.11 0.12 -18.13
C THR B 180 -21.13 0.85 -17.22
N LEU B 181 -19.84 0.56 -17.42
CA LEU B 181 -18.79 1.28 -16.74
C LEU B 181 -17.61 1.38 -17.69
N ALA B 182 -16.89 2.49 -17.58
CA ALA B 182 -15.65 2.69 -18.31
C ALA B 182 -14.50 2.55 -17.34
N ILE B 183 -13.43 1.91 -17.79
CA ILE B 183 -12.23 1.69 -16.97
C ILE B 183 -11.14 2.60 -17.49
N THR B 184 -10.54 3.37 -16.58
CA THR B 184 -9.31 4.09 -16.84
C THR B 184 -8.22 3.44 -16.03
N LEU B 185 -7.20 2.90 -16.70
CA LEU B 185 -6.06 2.32 -16.02
C LEU B 185 -5.02 3.43 -15.87
N VAL B 186 -4.88 3.92 -14.64
CA VAL B 186 -3.97 5.01 -14.35
C VAL B 186 -2.61 4.40 -14.01
N VAL B 187 -1.66 4.61 -14.89
CA VAL B 187 -0.33 4.02 -14.79
C VAL B 187 0.63 5.08 -14.28
N ASP B 188 1.48 4.70 -13.33
CA ASP B 188 2.63 5.52 -12.95
C ASP B 188 3.86 4.61 -13.06
N ALA B 189 4.57 4.74 -14.17
CA ALA B 189 5.75 3.91 -14.41
C ALA B 189 6.81 4.13 -13.35
N GLY B 190 6.81 5.31 -12.71
CA GLY B 190 7.84 5.65 -11.75
C GLY B 190 9.14 5.94 -12.47
N ARG B 191 10.24 5.73 -11.78
CA ARG B 191 11.55 6.06 -12.31
C ARG B 191 12.17 4.80 -12.93
N ARG B 192 12.97 5.02 -13.97
CA ARG B 192 13.76 3.93 -14.52
C ARG B 192 14.87 3.57 -13.54
N LEU B 193 14.93 2.29 -13.18
CA LEU B 193 15.75 1.85 -12.06
C LEU B 193 17.04 1.19 -12.54
N THR B 194 18.12 1.47 -11.81
CA THR B 194 19.42 0.83 -12.01
C THR B 194 19.68 -0.13 -10.85
N VAL B 195 20.15 -1.33 -11.17
CA VAL B 195 20.44 -2.33 -10.16
C VAL B 195 21.87 -2.11 -9.67
N ARG B 196 22.03 -1.84 -8.37
CA ARG B 196 23.36 -1.70 -7.78
C ARG B 196 23.93 -3.06 -7.44
N GLN B 197 23.31 -3.77 -6.50
CA GLN B 197 23.74 -5.09 -6.07
C GLN B 197 22.60 -6.08 -6.23
N LEU B 198 22.96 -7.31 -6.53
CA LEU B 198 22.09 -8.45 -6.28
C LEU B 198 22.52 -9.05 -4.95
N ARG B 199 21.62 -9.05 -3.98
CA ARG B 199 21.94 -9.55 -2.65
C ARG B 199 21.15 -10.83 -2.46
N PHE B 200 21.81 -11.84 -1.87
CA PHE B 200 21.19 -13.12 -1.61
C PHE B 200 21.03 -13.28 -0.11
N GLU B 201 19.84 -13.65 0.32
CA GLU B 201 19.57 -13.95 1.71
C GLU B 201 19.24 -15.43 1.86
N GLY B 202 19.48 -15.95 3.06
CA GLY B 202 19.04 -17.28 3.40
C GLY B 202 19.91 -18.44 2.97
N ASN B 203 21.00 -18.20 2.25
CA ASN B 203 21.83 -19.30 1.75
C ASN B 203 22.78 -19.65 2.88
N THR B 204 22.61 -20.85 3.44
CA THR B 204 23.46 -21.30 4.54
C THR B 204 24.76 -21.91 4.01
N VAL B 205 24.64 -22.91 3.15
CA VAL B 205 25.82 -23.64 2.69
C VAL B 205 26.38 -23.08 1.39
N SER B 206 25.52 -22.89 0.40
CA SER B 206 26.01 -22.69 -0.96
C SER B 206 26.75 -21.37 -1.09
N ALA B 207 27.86 -21.40 -1.83
CA ALA B 207 28.63 -20.20 -2.02
C ALA B 207 27.80 -19.18 -2.78
N ASP B 208 27.96 -17.91 -2.44
CA ASP B 208 27.25 -16.87 -3.17
C ASP B 208 27.75 -16.78 -4.61
N SER B 209 29.06 -16.94 -4.83
CA SER B 209 29.56 -16.89 -6.19
C SER B 209 28.94 -17.98 -7.04
N THR B 210 28.59 -19.13 -6.45
CA THR B 210 27.80 -20.13 -7.16
C THR B 210 26.41 -19.58 -7.48
N LEU B 211 25.72 -19.03 -6.48
CA LEU B 211 24.41 -18.44 -6.74
C LEU B 211 24.53 -17.30 -7.75
N ARG B 212 25.45 -16.37 -7.47
CA ARG B 212 25.78 -15.29 -8.38
C ARG B 212 25.97 -15.79 -9.81
N GLN B 213 26.49 -17.01 -9.96
CA GLN B 213 26.58 -17.65 -11.28
C GLN B 213 25.22 -17.94 -11.87
N GLU B 214 24.18 -18.09 -11.03
CA GLU B 214 22.84 -18.38 -11.51
C GLU B 214 22.08 -17.13 -11.93
N MET B 215 22.66 -15.94 -11.75
CA MET B 215 21.97 -14.71 -12.04
C MET B 215 22.09 -14.37 -13.52
N ARG B 216 21.01 -13.79 -14.06
CA ARG B 216 21.01 -13.28 -15.42
C ARG B 216 20.75 -11.77 -15.46
N GLN B 217 20.16 -11.20 -14.42
CA GLN B 217 20.19 -9.76 -14.18
C GLN B 217 21.63 -9.33 -13.90
N GLN B 218 22.06 -8.26 -14.54
CA GLN B 218 23.41 -7.76 -14.36
C GLN B 218 23.43 -6.58 -13.40
N GLU B 219 24.47 -6.51 -12.58
CA GLU B 219 24.64 -5.39 -11.68
C GLU B 219 25.14 -4.17 -12.44
N GLY B 220 24.81 -2.99 -11.95
CA GLY B 220 25.26 -1.76 -12.58
C GLY B 220 24.51 -1.36 -13.82
N THR B 221 23.35 -1.95 -14.11
CA THR B 221 22.60 -1.58 -15.30
C THR B 221 21.11 -1.66 -15.00
N TRP B 222 20.29 -1.47 -16.04
CA TRP B 222 18.86 -1.29 -15.86
C TRP B 222 18.22 -2.55 -15.30
N TYR B 223 17.36 -2.37 -14.29
CA TYR B 223 16.47 -3.43 -13.86
C TYR B 223 15.74 -4.02 -15.06
N ASN B 224 15.58 -5.33 -15.07
CA ASN B 224 14.82 -6.03 -16.11
C ASN B 224 14.00 -7.11 -15.42
N SER B 225 12.69 -6.88 -15.32
CA SER B 225 11.82 -7.79 -14.60
C SER B 225 11.94 -9.23 -15.13
N GLN B 226 12.16 -9.38 -16.44
CA GLN B 226 12.30 -10.72 -16.99
C GLN B 226 13.57 -11.40 -16.51
N LEU B 227 14.70 -10.68 -16.50
CA LEU B 227 15.94 -11.27 -16.01
C LEU B 227 15.90 -11.48 -14.51
N VAL B 228 15.17 -10.62 -13.79
CA VAL B 228 14.99 -10.85 -12.36
C VAL B 228 14.17 -12.12 -12.13
N GLU B 229 13.02 -12.22 -12.81
CA GLU B 229 12.23 -13.45 -12.77
C GLU B 229 13.07 -14.67 -13.16
N LEU B 230 13.86 -14.56 -14.22
CA LEU B 230 14.67 -15.68 -14.67
C LEU B 230 15.64 -16.15 -13.59
N GLY B 231 16.16 -15.22 -12.78
CA GLY B 231 16.96 -15.62 -11.64
C GLY B 231 16.14 -16.40 -10.62
N LYS B 232 14.92 -15.95 -10.36
CA LYS B 232 14.06 -16.62 -9.39
C LYS B 232 13.71 -18.04 -9.82
N ILE B 233 13.42 -18.22 -11.12
CA ILE B 233 13.21 -19.57 -11.64
C ILE B 233 14.51 -20.35 -11.63
N ARG B 234 15.56 -19.74 -12.14
CA ARG B 234 16.86 -20.40 -12.26
C ARG B 234 17.38 -20.87 -10.91
N LEU B 235 17.00 -20.18 -9.83
CA LEU B 235 17.30 -20.70 -8.50
C LEU B 235 16.25 -21.72 -8.09
N ASP B 236 14.98 -21.46 -8.39
CA ASP B 236 13.96 -22.46 -8.18
C ASP B 236 14.39 -23.79 -8.75
N ARG B 237 15.14 -23.75 -9.86
CA ARG B 237 15.51 -24.96 -10.58
C ARG B 237 16.46 -25.84 -9.78
N THR B 238 17.49 -25.24 -9.15
CA THR B 238 18.47 -26.08 -8.49
C THR B 238 17.86 -26.85 -7.33
N GLY B 239 16.71 -26.41 -6.81
CA GLY B 239 15.94 -27.21 -5.88
C GLY B 239 16.26 -27.06 -4.42
N PHE B 240 17.27 -26.27 -4.05
CA PHE B 240 17.66 -26.26 -2.64
C PHE B 240 16.61 -25.57 -1.79
N PHE B 241 15.58 -25.02 -2.41
CA PHE B 241 14.75 -24.03 -1.75
C PHE B 241 13.27 -24.36 -1.99
N GLU B 242 12.46 -24.17 -0.94
CA GLU B 242 10.99 -24.28 -1.02
C GLU B 242 10.34 -23.08 -1.70
N THR B 243 10.73 -21.87 -1.31
CA THR B 243 10.32 -20.64 -1.97
C THR B 243 11.55 -19.85 -2.40
N VAL B 244 11.39 -19.16 -3.51
CA VAL B 244 12.35 -18.16 -3.95
C VAL B 244 11.56 -16.91 -4.22
N GLU B 245 12.01 -15.79 -3.64
CA GLU B 245 11.27 -14.56 -3.75
C GLU B 245 12.26 -13.42 -3.90
N ASN B 246 11.77 -12.33 -4.47
CA ASN B 246 12.59 -11.15 -4.64
C ASN B 246 11.75 -9.90 -4.41
N ARG B 247 12.45 -8.84 -4.04
CA ARG B 247 11.85 -7.53 -3.83
C ARG B 247 12.89 -6.49 -4.24
N ILE B 248 12.40 -5.28 -4.43
CA ILE B 248 13.22 -4.16 -4.83
C ILE B 248 13.53 -3.36 -3.58
N ASP B 249 14.82 -3.22 -3.25
CA ASP B 249 15.21 -2.36 -2.13
C ASP B 249 15.71 -1.04 -2.69
N PRO B 250 14.97 0.05 -2.53
CA PRO B 250 15.47 1.35 -2.98
C PRO B 250 16.65 1.79 -2.13
N ILE B 251 17.54 2.57 -2.73
CA ILE B 251 18.70 3.09 -2.02
C ILE B 251 18.48 4.58 -1.78
N ASN B 252 18.29 4.91 -0.50
CA ASN B 252 18.14 6.29 -0.04
C ASN B 252 19.18 7.22 -0.65
N GLY B 253 18.71 8.31 -1.25
CA GLY B 253 19.63 9.32 -1.70
C GLY B 253 20.51 8.91 -2.85
N SER B 254 20.07 7.93 -3.63
CA SER B 254 20.71 7.53 -4.86
C SER B 254 19.93 8.16 -6.00
N ASN B 255 20.57 8.27 -7.16
CA ASN B 255 19.79 8.57 -8.35
C ASN B 255 18.60 7.62 -8.35
N ASP B 256 18.53 6.68 -9.25
CA ASP B 256 17.43 5.71 -9.20
C ASP B 256 18.03 4.31 -9.14
N GLU B 257 18.67 4.02 -8.01
CA GLU B 257 19.31 2.74 -7.80
C GLU B 257 18.54 1.93 -6.78
N VAL B 258 18.53 0.62 -6.99
CA VAL B 258 17.90 -0.31 -6.08
C VAL B 258 18.83 -1.52 -5.99
N ASP B 259 18.69 -2.25 -4.90
CA ASP B 259 19.21 -3.61 -4.84
C ASP B 259 18.06 -4.55 -5.13
N VAL B 260 18.36 -5.68 -5.74
CA VAL B 260 17.39 -6.75 -5.89
C VAL B 260 17.81 -7.83 -4.90
N VAL B 261 16.90 -8.18 -4.01
CA VAL B 261 17.19 -9.11 -2.93
C VAL B 261 16.43 -10.38 -3.22
N TYR B 262 17.17 -11.48 -3.40
CA TYR B 262 16.58 -12.79 -3.58
C TYR B 262 16.54 -13.49 -2.23
N LYS B 263 15.33 -13.86 -1.83
CA LYS B 263 15.08 -14.49 -0.53
C LYS B 263 15.01 -15.99 -0.80
N VAL B 264 16.14 -16.70 -0.55
CA VAL B 264 16.14 -18.15 -0.68
C VAL B 264 15.91 -18.74 0.70
N LYS B 265 15.22 -19.87 0.73
CA LYS B 265 15.03 -20.64 1.95
C LYS B 265 15.79 -21.96 1.84
N GLU B 266 16.92 -22.03 2.53
CA GLU B 266 17.79 -23.20 2.44
C GLU B 266 17.43 -24.23 3.50
#